data_3QRE
#
_entry.id   3QRE
#
_cell.length_a   87.700
_cell.length_b   87.700
_cell.length_c   87.700
_cell.angle_alpha   90.000
_cell.angle_beta   90.000
_cell.angle_gamma   90.000
#
_symmetry.space_group_name_H-M   'P 21 3'
#
loop_
_entity.id
_entity.type
_entity.pdbx_description
1 polymer 'Enoyl-CoA hydratase, EchA12_1'
2 non-polymer 'CHLORIDE ION'
3 non-polymer 'POTASSIUM ION'
4 water water
#
_entity_poly.entity_id   1
_entity_poly.type   'polypeptide(L)'
_entity_poly.pdbx_seq_one_letter_code
;MAHHHHHHMGTLEAQTQGPGSMSAADAQDAVLYEATPGGVAIITFNRADRLNAWGPDLAAGFYAAIDRAEADPGIRVIVL
TGRGRGFCAGAYLGSADAAAGYDKTMAKAKDANLADLVGERPPHFVTMLRKPVIAAINGPCVGIGLTQALMCDVRFAAAG
AKFAAVFARRGLIAEFGISWILPRLTSWAVALDLLLSGRTFLAEEAAQLGLVKEVVTPEQLMPRALEYAEDIARYCSPSS
MAVIKRQVYGDATRDVVEATSHAEVLLREAMPRPDVIEGIVSFLEKRPPQFPSLTSSE
;
_entity_poly.pdbx_strand_id   A
#
loop_
_chem_comp.id
_chem_comp.type
_chem_comp.name
_chem_comp.formula
CL non-polymer 'CHLORIDE ION' 'Cl -1'
K non-polymer 'POTASSIUM ION' 'K 1'
#
# COMPACT_ATOMS: atom_id res chain seq x y z
N GLN A 28 -15.63 3.86 -14.97
CA GLN A 28 -15.39 5.34 -14.83
C GLN A 28 -15.27 5.85 -13.36
N ASP A 29 -15.57 4.99 -12.37
CA ASP A 29 -15.33 5.31 -10.94
C ASP A 29 -13.83 5.45 -10.67
N ALA A 30 -13.47 6.41 -9.80
CA ALA A 30 -12.07 6.67 -9.47
C ALA A 30 -11.38 5.43 -8.87
N VAL A 31 -12.12 4.68 -8.05
CA VAL A 31 -11.59 3.46 -7.43
C VAL A 31 -12.58 2.30 -7.66
N LEU A 32 -12.08 1.20 -8.22
CA LEU A 32 -12.89 0.00 -8.42
C LEU A 32 -12.84 -0.94 -7.22
N TYR A 33 -13.95 -1.62 -6.99
CA TYR A 33 -14.07 -2.55 -5.89
C TYR A 33 -14.59 -3.93 -6.35
N GLU A 34 -13.86 -4.98 -5.99
CA GLU A 34 -14.24 -6.33 -6.38
C GLU A 34 -13.92 -7.33 -5.26
N ALA A 35 -14.87 -8.22 -4.99
CA ALA A 35 -14.68 -9.26 -3.96
C ALA A 35 -14.52 -10.66 -4.58
N THR A 36 -13.46 -11.38 -4.22
CA THR A 36 -13.28 -12.76 -4.68
C THR A 36 -14.17 -13.74 -3.85
N PRO A 37 -14.39 -14.97 -4.36
CA PRO A 37 -15.11 -15.96 -3.57
C PRO A 37 -14.40 -16.24 -2.24
N GLY A 38 -13.07 -16.20 -2.26
CA GLY A 38 -12.22 -16.42 -1.08
C GLY A 38 -12.19 -15.32 -0.02
N GLY A 39 -12.93 -14.23 -0.25
CA GLY A 39 -13.07 -13.16 0.74
C GLY A 39 -11.95 -12.09 0.72
N VAL A 40 -11.35 -11.91 -0.45
CA VAL A 40 -10.43 -10.82 -0.70
C VAL A 40 -11.14 -9.66 -1.42
N ALA A 41 -11.11 -8.49 -0.82
CA ALA A 41 -11.53 -7.25 -1.48
C ALA A 41 -10.38 -6.66 -2.31
N ILE A 42 -10.57 -6.56 -3.62
CA ILE A 42 -9.59 -5.97 -4.53
C ILE A 42 -9.97 -4.52 -4.81
N ILE A 43 -9.07 -3.61 -4.44
CA ILE A 43 -9.30 -2.19 -4.56
C ILE A 43 -8.29 -1.69 -5.59
N THR A 44 -8.81 -1.05 -6.62
CA THR A 44 -8.03 -0.67 -7.79
C THR A 44 -8.14 0.82 -8.07
N PHE A 45 -7.00 1.52 -7.99
CA PHE A 45 -6.94 2.92 -8.47
C PHE A 45 -7.19 2.93 -9.98
N ASN A 46 -8.16 3.73 -10.40
CA ASN A 46 -8.67 3.69 -11.77
C ASN A 46 -8.60 5.04 -12.47
N ARG A 47 -7.46 5.70 -12.35
CA ARG A 47 -7.16 6.89 -13.14
C ARG A 47 -5.83 6.67 -13.85
N ALA A 48 -5.77 5.63 -14.68
CA ALA A 48 -4.53 5.23 -15.35
C ALA A 48 -3.92 6.33 -16.20
N ASP A 49 -4.77 7.11 -16.90
CA ASP A 49 -4.30 8.23 -17.74
C ASP A 49 -3.31 9.16 -17.00
N ARG A 50 -3.46 9.33 -15.69
CA ARG A 50 -2.50 10.17 -14.94
C ARG A 50 -1.62 9.35 -13.97
N LEU A 51 -1.33 8.11 -14.34
CA LEU A 51 -0.63 7.16 -13.48
C LEU A 51 -1.17 7.16 -12.04
N ASN A 52 -2.49 7.25 -11.91
CA ASN A 52 -3.16 7.18 -10.61
C ASN A 52 -2.64 8.16 -9.56
N ALA A 53 -2.26 9.36 -10.01
CA ALA A 53 -1.73 10.41 -9.14
C ALA A 53 -2.80 10.76 -8.11
N TRP A 54 -2.41 10.94 -6.85
CA TRP A 54 -3.42 11.19 -5.81
C TRP A 54 -4.27 12.45 -6.09
N GLY A 55 -5.53 12.39 -5.69
CA GLY A 55 -6.47 13.47 -5.89
C GLY A 55 -7.75 13.16 -5.15
N PRO A 56 -8.62 14.18 -4.97
CA PRO A 56 -9.78 14.06 -4.10
C PRO A 56 -10.74 12.97 -4.56
N ASP A 57 -10.86 12.77 -5.88
CA ASP A 57 -11.65 11.66 -6.42
C ASP A 57 -11.09 10.31 -5.98
N LEU A 58 -9.77 10.18 -6.06
CA LEU A 58 -9.07 8.96 -5.73
C LEU A 58 -9.13 8.69 -4.24
N ALA A 59 -8.98 9.75 -3.45
CA ALA A 59 -9.09 9.67 -2.00
C ALA A 59 -10.46 9.17 -1.58
N ALA A 60 -11.51 9.87 -2.01
CA ALA A 60 -12.89 9.51 -1.67
C ALA A 60 -13.26 8.08 -2.09
N GLY A 61 -12.76 7.65 -3.25
CA GLY A 61 -13.02 6.29 -3.71
C GLY A 61 -12.33 5.31 -2.77
N PHE A 62 -11.07 5.59 -2.49
CA PHE A 62 -10.25 4.78 -1.60
C PHE A 62 -10.85 4.61 -0.19
N TYR A 63 -11.24 5.72 0.45
CA TYR A 63 -11.86 5.68 1.78
C TYR A 63 -13.12 4.86 1.78
N ALA A 64 -13.95 5.08 0.77
CA ALA A 64 -15.26 4.43 0.70
C ALA A 64 -15.05 2.94 0.45
N ALA A 65 -14.09 2.61 -0.41
CA ALA A 65 -13.78 1.22 -0.72
C ALA A 65 -13.24 0.49 0.50
N ILE A 66 -12.23 1.06 1.16
CA ILE A 66 -11.71 0.54 2.45
C ILE A 66 -12.80 0.36 3.52
N ASP A 67 -13.62 1.40 3.73
CA ASP A 67 -14.73 1.31 4.68
C ASP A 67 -15.63 0.14 4.37
N ARG A 68 -15.92 -0.07 3.09
CA ARG A 68 -16.79 -1.16 2.67
C ARG A 68 -16.20 -2.55 2.95
N ALA A 69 -14.95 -2.77 2.57
CA ALA A 69 -14.23 -4.00 2.93
C ALA A 69 -14.19 -4.22 4.45
N GLU A 70 -13.85 -3.16 5.18
CA GLU A 70 -13.75 -3.18 6.64
C GLU A 70 -15.08 -3.54 7.30
N ALA A 71 -16.19 -3.04 6.77
CA ALA A 71 -17.53 -3.30 7.34
C ALA A 71 -18.16 -4.65 6.95
N ASP A 72 -17.68 -5.26 5.88
CA ASP A 72 -18.25 -6.50 5.36
C ASP A 72 -17.60 -7.71 6.04
N PRO A 73 -18.37 -8.44 6.89
CA PRO A 73 -17.80 -9.60 7.59
C PRO A 73 -17.45 -10.77 6.67
N GLY A 74 -17.91 -10.72 5.42
CA GLY A 74 -17.47 -11.68 4.41
C GLY A 74 -16.08 -11.38 3.88
N ILE A 75 -15.58 -10.15 4.09
CA ILE A 75 -14.23 -9.77 3.65
C ILE A 75 -13.19 -10.03 4.74
N ARG A 76 -12.19 -10.82 4.38
CA ARG A 76 -11.11 -11.18 5.27
C ARG A 76 -9.84 -10.36 5.04
N VAL A 77 -9.49 -10.14 3.77
CA VAL A 77 -8.24 -9.46 3.43
C VAL A 77 -8.50 -8.48 2.27
N ILE A 78 -7.71 -7.40 2.26
CA ILE A 78 -7.78 -6.37 1.23
C ILE A 78 -6.53 -6.39 0.35
N VAL A 79 -6.73 -6.34 -0.97
CA VAL A 79 -5.62 -6.17 -1.91
C VAL A 79 -5.77 -4.82 -2.60
N LEU A 80 -4.67 -4.05 -2.62
CA LEU A 80 -4.64 -2.71 -3.19
C LEU A 80 -3.67 -2.65 -4.39
N THR A 81 -4.17 -2.14 -5.53
CA THR A 81 -3.40 -2.05 -6.78
C THR A 81 -3.83 -0.87 -7.67
N GLY A 82 -3.05 -0.58 -8.71
CA GLY A 82 -3.36 0.48 -9.67
C GLY A 82 -3.58 -0.12 -11.06
N ARG A 83 -4.62 0.36 -11.74
CA ARG A 83 -4.86 0.01 -13.13
C ARG A 83 -3.81 0.66 -14.05
N GLY A 84 -3.37 -0.09 -15.05
CA GLY A 84 -2.50 0.46 -16.09
C GLY A 84 -1.03 0.36 -15.73
N ARG A 85 -0.25 1.31 -16.24
CA ARG A 85 1.22 1.30 -16.14
C ARG A 85 1.78 1.69 -14.74
N GLY A 86 0.97 2.42 -13.95
CA GLY A 86 1.39 2.94 -12.64
C GLY A 86 0.56 2.52 -11.42
N PHE A 87 1.23 2.42 -10.27
CA PHE A 87 0.56 2.16 -8.98
C PHE A 87 -0.14 3.44 -8.44
N CYS A 88 0.67 4.43 -8.09
CA CYS A 88 0.22 5.76 -7.69
C CYS A 88 1.46 6.69 -7.73
N ALA A 89 1.51 7.55 -8.75
CA ALA A 89 2.70 8.40 -8.99
C ALA A 89 2.47 9.88 -8.66
N GLY A 90 2.72 10.28 -7.41
CA GLY A 90 2.62 11.68 -7.00
C GLY A 90 1.18 12.10 -6.75
N ALA A 91 0.94 13.41 -6.80
CA ALA A 91 -0.38 13.98 -6.51
C ALA A 91 -0.87 14.91 -7.63
N ARG A 121 -8.79 11.98 6.68
CA ARG A 121 -8.18 10.86 7.40
C ARG A 121 -6.67 10.94 7.49
N PRO A 122 -6.10 10.56 8.65
CA PRO A 122 -4.62 10.55 8.78
C PRO A 122 -3.90 9.60 7.78
N PRO A 123 -2.67 9.94 7.40
CA PRO A 123 -1.87 9.16 6.44
C PRO A 123 -1.83 7.63 6.71
N HIS A 124 -1.84 7.27 7.99
CA HIS A 124 -1.60 5.89 8.43
C HIS A 124 -2.85 5.15 8.88
N PHE A 125 -4.02 5.60 8.45
CA PHE A 125 -5.26 5.01 8.94
C PHE A 125 -5.40 3.52 8.56
N VAL A 126 -4.81 3.13 7.43
CA VAL A 126 -4.73 1.71 7.03
C VAL A 126 -4.08 0.80 8.10
N THR A 127 -3.12 1.36 8.83
CA THR A 127 -2.48 0.61 9.91
C THR A 127 -3.41 0.37 11.09
N MET A 128 -4.54 1.06 11.16
CA MET A 128 -5.44 0.91 12.31
C MET A 128 -6.68 0.09 11.99
N LEU A 129 -6.71 -0.49 10.78
CA LEU A 129 -7.81 -1.34 10.37
C LEU A 129 -7.69 -2.67 11.12
N ARG A 130 -8.83 -3.32 11.31
CA ARG A 130 -8.89 -4.69 11.77
C ARG A 130 -8.36 -5.68 10.73
N LYS A 131 -8.27 -5.30 9.46
CA LYS A 131 -7.95 -6.25 8.39
C LYS A 131 -6.66 -5.87 7.66
N PRO A 132 -5.89 -6.86 7.20
CA PRO A 132 -4.64 -6.61 6.50
C PRO A 132 -4.88 -6.02 5.11
N VAL A 133 -3.92 -5.18 4.65
CA VAL A 133 -3.94 -4.68 3.29
C VAL A 133 -2.64 -5.12 2.64
N ILE A 134 -2.77 -5.79 1.50
CA ILE A 134 -1.64 -6.20 0.70
C ILE A 134 -1.57 -5.27 -0.52
N ALA A 135 -0.48 -4.51 -0.64
CA ALA A 135 -0.22 -3.73 -1.83
C ALA A 135 0.46 -4.55 -2.90
N ALA A 136 -0.10 -4.46 -4.11
CA ALA A 136 0.51 -5.06 -5.28
C ALA A 136 0.96 -3.94 -6.18
N ILE A 137 2.26 -3.62 -6.13
CA ILE A 137 2.81 -2.42 -6.75
C ILE A 137 3.22 -2.73 -8.18
N ASN A 138 2.31 -2.41 -9.10
CA ASN A 138 2.42 -2.74 -10.55
C ASN A 138 3.34 -1.86 -11.37
N GLY A 139 3.75 -0.72 -10.82
CA GLY A 139 4.48 0.31 -11.58
C GLY A 139 4.73 1.52 -10.68
N PRO A 140 5.11 2.68 -11.29
CA PRO A 140 5.50 3.89 -10.54
C PRO A 140 4.81 4.12 -9.18
N CYS A 141 5.63 4.18 -8.13
CA CYS A 141 5.18 4.37 -6.74
C CYS A 141 5.93 5.58 -6.13
N VAL A 142 5.28 6.73 -6.12
CA VAL A 142 5.99 8.00 -5.91
C VAL A 142 5.21 8.94 -5.03
N GLY A 143 5.92 9.64 -4.16
CA GLY A 143 5.31 10.64 -3.30
C GLY A 143 4.30 9.98 -2.39
N ILE A 144 3.12 10.56 -2.35
CA ILE A 144 2.01 10.05 -1.57
C ILE A 144 1.71 8.57 -1.90
N GLY A 145 1.94 8.17 -3.15
CA GLY A 145 1.83 6.78 -3.53
C GLY A 145 2.79 5.84 -2.79
N LEU A 146 4.01 6.30 -2.52
CA LEU A 146 4.94 5.54 -1.69
C LEU A 146 4.45 5.50 -0.23
N THR A 147 4.03 6.66 0.28
CA THR A 147 3.46 6.68 1.63
C THR A 147 2.31 5.69 1.81
N GLN A 148 1.33 5.73 0.90
CA GLN A 148 0.21 4.79 1.00
C GLN A 148 0.62 3.31 0.91
N ALA A 149 1.57 2.98 0.01
CA ALA A 149 2.08 1.62 -0.13
C ALA A 149 2.69 1.17 1.18
N LEU A 150 3.51 2.05 1.78
CA LEU A 150 4.23 1.71 3.01
C LEU A 150 3.34 1.60 4.22
N MET A 151 2.14 2.19 4.16
CA MET A 151 1.15 2.06 5.26
C MET A 151 0.46 0.68 5.24
N CYS A 152 0.54 0.03 4.08
CA CYS A 152 -0.02 -1.30 3.94
C CYS A 152 0.75 -2.33 4.77
N ASP A 153 0.10 -3.45 5.07
CA ASP A 153 0.73 -4.50 5.87
C ASP A 153 1.86 -5.17 5.12
N VAL A 154 1.61 -5.52 3.86
CA VAL A 154 2.55 -6.30 3.05
C VAL A 154 2.56 -5.77 1.63
N ARG A 155 3.75 -5.71 1.04
CA ARG A 155 3.93 -5.21 -0.33
C ARG A 155 4.59 -6.23 -1.28
N PHE A 156 3.94 -6.45 -2.42
CA PHE A 156 4.55 -7.14 -3.56
C PHE A 156 4.78 -6.10 -4.64
N ALA A 157 5.87 -6.27 -5.40
CA ALA A 157 6.16 -5.33 -6.46
C ALA A 157 6.49 -6.07 -7.74
N ALA A 158 6.05 -5.49 -8.85
CA ALA A 158 6.44 -5.96 -10.17
C ALA A 158 7.90 -5.60 -10.43
N ALA A 159 8.63 -6.53 -11.03
CA ALA A 159 9.99 -6.30 -11.52
C ALA A 159 10.06 -5.04 -12.38
N GLY A 160 11.09 -4.21 -12.15
CA GLY A 160 11.23 -2.93 -12.84
C GLY A 160 10.42 -1.73 -12.30
N ALA A 161 9.50 -1.95 -11.36
CA ALA A 161 8.64 -0.85 -10.91
C ALA A 161 9.47 0.24 -10.21
N LYS A 162 9.22 1.50 -10.56
CA LYS A 162 9.99 2.64 -10.03
C LYS A 162 9.41 3.22 -8.74
N PHE A 163 10.30 3.50 -7.79
CA PHE A 163 9.94 4.15 -6.54
C PHE A 163 10.73 5.42 -6.39
N ALA A 164 10.12 6.43 -5.78
CA ALA A 164 10.85 7.65 -5.42
C ALA A 164 10.17 8.33 -4.26
N ALA A 165 10.96 8.63 -3.24
CA ALA A 165 10.48 9.40 -2.10
C ALA A 165 10.60 10.92 -2.38
N VAL A 166 9.83 11.38 -3.37
CA VAL A 166 9.81 12.80 -3.81
C VAL A 166 8.57 13.47 -3.24
N PHE A 167 8.78 14.57 -2.53
CA PHE A 167 7.75 15.22 -1.72
C PHE A 167 7.93 16.73 -1.70
N ALA A 168 6.80 17.42 -1.59
CA ALA A 168 6.78 18.83 -1.25
C ALA A 168 6.94 18.94 0.28
N ARG A 169 7.13 20.16 0.78
CA ARG A 169 7.23 20.39 2.23
C ARG A 169 6.08 19.71 2.98
N ARG A 170 4.86 19.85 2.46
CA ARG A 170 3.66 19.37 3.16
C ARG A 170 3.68 17.85 3.43
N GLY A 171 4.17 17.07 2.47
CA GLY A 171 4.36 15.65 2.66
C GLY A 171 5.51 15.32 3.60
N LEU A 172 6.57 16.12 3.58
CA LEU A 172 7.71 15.89 4.49
C LEU A 172 7.35 16.13 5.96
N ILE A 173 6.50 17.12 6.22
CA ILE A 173 6.20 17.47 7.61
C ILE A 173 5.03 16.69 8.18
N ALA A 174 4.24 16.15 7.27
CA ALA A 174 2.96 15.57 7.65
C ALA A 174 3.22 14.56 8.76
N GLU A 175 2.39 14.65 9.78
CA GLU A 175 2.46 13.81 10.94
C GLU A 175 1.88 12.41 10.64
N PHE A 176 2.61 11.39 11.08
CA PHE A 176 2.36 9.99 10.70
C PHE A 176 2.47 9.78 9.17
N GLY A 177 3.12 10.70 8.46
CA GLY A 177 3.35 10.53 7.04
C GLY A 177 4.65 9.77 6.72
N ILE A 178 5.25 10.05 5.57
CA ILE A 178 6.46 9.36 5.10
C ILE A 178 7.65 9.50 6.09
N SER A 179 7.77 10.63 6.78
CA SER A 179 8.94 10.81 7.65
C SER A 179 8.77 9.98 8.93
N TRP A 180 7.56 9.49 9.15
CA TRP A 180 7.24 8.56 10.21
C TRP A 180 7.46 7.09 9.75
N ILE A 181 6.73 6.66 8.72
CA ILE A 181 6.77 5.26 8.29
C ILE A 181 8.13 4.83 7.69
N LEU A 182 8.72 5.64 6.83
CA LEU A 182 9.97 5.25 6.15
C LEU A 182 11.09 4.82 7.08
N PRO A 183 11.50 5.68 8.06
CA PRO A 183 12.59 5.19 8.90
C PRO A 183 12.19 4.00 9.80
N ARG A 184 10.91 3.91 10.16
CA ARG A 184 10.42 2.76 10.96
C ARG A 184 10.51 1.43 10.23
N LEU A 185 10.25 1.45 8.93
CA LEU A 185 10.35 0.25 8.08
C LEU A 185 11.77 -0.07 7.67
N THR A 186 12.63 0.96 7.63
CA THR A 186 14.04 0.79 7.20
C THR A 186 14.99 1.30 8.31
N SER A 187 15.40 2.58 8.25
CA SER A 187 16.21 3.19 9.30
C SER A 187 16.33 4.69 9.03
N TRP A 188 16.88 5.45 9.98
CA TRP A 188 17.22 6.83 9.72
C TRP A 188 18.10 6.98 8.45
N ALA A 189 19.07 6.07 8.28
CA ALA A 189 20.03 6.20 7.19
C ALA A 189 19.37 6.07 5.83
N VAL A 190 18.54 5.05 5.68
CA VAL A 190 17.78 4.83 4.48
C VAL A 190 16.84 6.01 4.24
N ALA A 191 16.08 6.39 5.27
CA ALA A 191 15.15 7.52 5.15
C ALA A 191 15.88 8.80 4.75
N LEU A 192 17.01 9.09 5.39
CA LEU A 192 17.77 10.30 5.03
C LEU A 192 18.25 10.27 3.58
N ASP A 193 18.82 9.14 3.17
CA ASP A 193 19.27 8.97 1.80
C ASP A 193 18.13 9.21 0.77
N LEU A 194 17.03 8.48 0.91
CA LEU A 194 15.89 8.53 -0.03
C LEU A 194 15.21 9.90 -0.08
N LEU A 195 15.04 10.51 1.10
CA LEU A 195 14.38 11.83 1.19
C LEU A 195 15.24 12.98 0.68
N LEU A 196 16.50 13.04 1.12
CA LEU A 196 17.42 14.11 0.72
C LEU A 196 17.82 14.03 -0.75
N SER A 197 17.96 12.81 -1.28
CA SER A 197 18.31 12.62 -2.70
C SER A 197 17.09 12.69 -3.60
N GLY A 198 15.94 12.22 -3.11
CA GLY A 198 14.75 12.12 -3.94
C GLY A 198 14.96 11.13 -5.07
N ARG A 199 15.94 10.24 -4.92
CA ARG A 199 16.37 9.40 -6.04
C ARG A 199 15.36 8.30 -6.38
N THR A 200 15.48 7.79 -7.60
CA THR A 200 14.63 6.73 -8.12
C THR A 200 15.31 5.41 -7.80
N PHE A 201 14.56 4.49 -7.22
CA PHE A 201 15.04 3.12 -7.03
C PHE A 201 13.99 2.14 -7.53
N LEU A 202 14.46 1.00 -8.00
CA LEU A 202 13.58 0.01 -8.59
C LEU A 202 13.14 -1.02 -7.53
N ALA A 203 12.12 -1.81 -7.90
CA ALA A 203 11.59 -2.90 -7.06
C ALA A 203 12.68 -3.73 -6.37
N GLU A 204 13.75 -4.03 -7.10
CA GLU A 204 14.78 -4.92 -6.59
C GLU A 204 15.58 -4.28 -5.43
N GLU A 205 15.95 -3.01 -5.59
CA GLU A 205 16.59 -2.26 -4.51
C GLU A 205 15.60 -2.10 -3.35
N ALA A 206 14.35 -1.80 -3.66
CA ALA A 206 13.33 -1.69 -2.62
C ALA A 206 13.25 -2.93 -1.74
N ALA A 207 13.34 -4.12 -2.35
CA ALA A 207 13.36 -5.39 -1.62
C ALA A 207 14.61 -5.55 -0.74
N GLN A 208 15.79 -5.26 -1.29
CA GLN A 208 17.06 -5.24 -0.53
C GLN A 208 16.95 -4.38 0.75
N LEU A 209 16.32 -3.21 0.59
CA LEU A 209 16.15 -2.22 1.66
C LEU A 209 15.02 -2.59 2.64
N GLY A 210 14.23 -3.59 2.28
CA GLY A 210 13.17 -4.07 3.14
C GLY A 210 11.88 -3.28 2.97
N LEU A 211 11.77 -2.58 1.86
CA LEU A 211 10.55 -1.82 1.58
C LEU A 211 9.50 -2.70 0.91
N VAL A 212 9.92 -3.86 0.43
CA VAL A 212 9.05 -4.73 -0.34
C VAL A 212 9.34 -6.17 0.07
N LYS A 213 8.31 -7.01 0.17
CA LYS A 213 8.51 -8.39 0.63
C LYS A 213 9.12 -9.25 -0.48
N GLU A 214 8.72 -8.99 -1.72
CA GLU A 214 9.05 -9.88 -2.81
C GLU A 214 8.77 -9.21 -4.15
N VAL A 215 9.74 -9.37 -5.06
CA VAL A 215 9.59 -8.92 -6.45
C VAL A 215 9.17 -10.09 -7.35
N VAL A 216 8.08 -9.93 -8.09
CA VAL A 216 7.69 -10.94 -9.09
C VAL A 216 7.59 -10.29 -10.47
N THR A 217 7.50 -11.11 -11.53
CA THR A 217 7.25 -10.63 -12.89
C THR A 217 5.92 -9.86 -12.96
N PRO A 218 5.79 -8.90 -13.89
CA PRO A 218 4.52 -8.16 -14.00
C PRO A 218 3.29 -9.07 -14.17
N GLU A 219 3.40 -10.09 -15.00
CA GLU A 219 2.29 -11.04 -15.24
C GLU A 219 1.87 -11.75 -13.94
N GLN A 220 2.85 -12.06 -13.07
CA GLN A 220 2.58 -12.85 -11.88
C GLN A 220 2.23 -12.01 -10.63
N LEU A 221 2.22 -10.68 -10.75
CA LEU A 221 1.96 -9.79 -9.59
C LEU A 221 0.62 -9.99 -8.85
N MET A 222 -0.48 -9.92 -9.57
CA MET A 222 -1.79 -10.11 -8.96
C MET A 222 -2.07 -11.57 -8.52
N PRO A 223 -1.73 -12.58 -9.36
CA PRO A 223 -1.91 -13.95 -8.88
C PRO A 223 -1.21 -14.25 -7.54
N ARG A 224 0.02 -13.75 -7.40
CA ARG A 224 0.83 -13.89 -6.18
C ARG A 224 0.26 -13.11 -4.98
N ALA A 225 -0.11 -11.84 -5.20
CA ALA A 225 -0.73 -11.04 -4.13
C ALA A 225 -2.03 -11.70 -3.65
N LEU A 226 -2.82 -12.22 -4.59
CA LEU A 226 -4.08 -12.92 -4.25
C LEU A 226 -3.87 -14.29 -3.62
N GLU A 227 -2.83 -15.00 -4.05
CA GLU A 227 -2.49 -16.31 -3.47
C GLU A 227 -2.18 -16.10 -1.99
N TYR A 228 -1.21 -15.22 -1.75
CA TYR A 228 -0.78 -14.83 -0.40
C TYR A 228 -1.95 -14.37 0.48
N ALA A 229 -2.80 -13.51 -0.08
CA ALA A 229 -3.99 -12.99 0.64
C ALA A 229 -5.03 -14.05 1.05
N GLU A 230 -5.36 -14.97 0.15
CA GLU A 230 -6.23 -16.09 0.52
C GLU A 230 -5.50 -17.10 1.43
N ASP A 231 -4.19 -17.25 1.24
CA ASP A 231 -3.36 -18.02 2.16
C ASP A 231 -3.50 -17.53 3.60
N ILE A 232 -3.31 -16.22 3.84
CA ILE A 232 -3.44 -15.68 5.21
C ILE A 232 -4.88 -15.72 5.72
N ALA A 233 -5.84 -15.55 4.82
CA ALA A 233 -7.24 -15.65 5.14
C ALA A 233 -7.61 -17.06 5.65
N ARG A 234 -6.98 -18.08 5.10
CA ARG A 234 -7.21 -19.41 5.62
C ARG A 234 -6.48 -19.60 6.95
N TYR A 235 -5.22 -19.13 7.03
CA TYR A 235 -4.42 -19.38 8.22
C TYR A 235 -4.86 -18.68 9.52
N CYS A 236 -5.28 -17.42 9.42
CA CYS A 236 -5.66 -16.58 10.57
C CYS A 236 -7.15 -16.37 10.65
N SER A 237 -7.70 -16.42 11.86
CA SER A 237 -9.07 -15.97 12.03
C SER A 237 -9.10 -14.44 11.89
N PRO A 238 -10.30 -13.86 11.65
CA PRO A 238 -10.45 -12.40 11.67
C PRO A 238 -9.98 -11.71 12.96
N SER A 239 -10.27 -12.27 14.12
CA SER A 239 -9.87 -11.63 15.37
C SER A 239 -8.37 -11.85 15.61
N SER A 240 -7.81 -12.89 15.02
CA SER A 240 -6.35 -13.08 15.09
C SER A 240 -5.60 -12.07 14.26
N MET A 241 -6.07 -11.79 13.05
CA MET A 241 -5.49 -10.72 12.23
C MET A 241 -5.56 -9.35 12.95
N ALA A 242 -6.71 -9.02 13.54
CA ALA A 242 -6.93 -7.72 14.20
C ALA A 242 -5.96 -7.55 15.35
N VAL A 243 -5.76 -8.66 16.07
CA VAL A 243 -4.88 -8.71 17.22
C VAL A 243 -3.44 -8.51 16.79
N ILE A 244 -3.07 -9.21 15.73
CA ILE A 244 -1.72 -9.09 15.17
C ILE A 244 -1.43 -7.63 14.79
N LYS A 245 -2.32 -7.00 14.02
CA LYS A 245 -2.07 -5.61 13.58
C LYS A 245 -1.96 -4.68 14.81
N ARG A 246 -2.88 -4.81 15.74
CA ARG A 246 -2.84 -4.02 16.95
C ARG A 246 -1.58 -4.32 17.76
N GLN A 247 -1.19 -5.58 17.86
CA GLN A 247 0.03 -5.90 18.64
C GLN A 247 1.32 -5.40 17.99
N VAL A 248 1.40 -5.49 16.67
CA VAL A 248 2.62 -5.10 15.95
C VAL A 248 2.82 -3.59 15.96
N TYR A 249 1.82 -2.82 15.52
CA TYR A 249 1.91 -1.36 15.50
C TYR A 249 1.92 -0.78 16.93
N GLY A 250 1.10 -1.35 17.80
CA GLY A 250 1.16 -1.06 19.23
C GLY A 250 0.72 0.35 19.58
N ASP A 251 1.39 0.89 20.60
CA ASP A 251 1.17 2.25 21.10
C ASP A 251 1.56 3.31 20.07
N ALA A 252 2.35 2.90 19.07
CA ALA A 252 3.01 3.81 18.11
C ALA A 252 2.08 4.60 17.16
N THR A 253 0.87 4.08 16.88
CA THR A 253 -0.09 4.75 16.01
C THR A 253 -0.92 5.78 16.80
N ARG A 254 -0.85 5.72 18.14
CA ARG A 254 -1.57 6.65 19.03
C ARG A 254 -0.62 7.74 19.56
CL CL B . -3.43 -17.74 14.66
K K C . -12.14 -17.10 17.00
#